data_5HLW
#
_entry.id   5HLW
#
_cell.length_a   43.320
_cell.length_b   46.690
_cell.length_c   156.960
_cell.angle_alpha   90.00
_cell.angle_beta   90.00
_cell.angle_gamma   90.00
#
_symmetry.space_group_name_H-M   'P 21 21 21'
#
loop_
_entity.id
_entity.type
_entity.pdbx_description
1 polymer 'Hepatocyte growth factor receptor'
2 non-polymer 'CHLORIDE ION'
3 non-polymer 1-[2-(1-ethylpiperidin-4-yl)ethyl]-3-(6-{[6-(thiophen-2-yl)[1,2,4]triazolo[4,3-b]pyridazin-3-yl]sulfanyl}-1,3-benzothiazol-2-yl)urea
4 water water
#
_entity_poly.entity_id   1
_entity_poly.type   'polypeptide(L)'
_entity_poly.pdbx_seq_one_letter_code
;ALNPELVQAVQHVVIGPSSLIVHFNEVIGRGHFGCVYHGTLLDNDGKKIHCAVKSLNRITDIGEVSQFLTEGIIMKDFSH
PNVLSLLGICLRSEGSPLVVLPYMKHGDLRNFIRNETHNPTVKDLIGFGLQVAKGMKYLASKKFVHRDLAARNCMLDEKF
TVKVADFGLARDMHDKEYYSVHNKTGAKLPVKWMALESLQTQKFTTKSDVWSFGVLLWELMTRGAPPYPDVNTFDITVYL
LQGRRLLQPEYCPDPLYEVMLKCWHPKAEMRPSFSELVSRISAIFSTFIGEHYVHVNAT
;
_entity_poly.pdbx_strand_id   A
#
loop_
_chem_comp.id
_chem_comp.type
_chem_comp.name
_chem_comp.formula
62E non-polymer 1-[2-(1-ethylpiperidin-4-yl)ethyl]-3-(6-{[6-(thiophen-2-yl)[1,2,4]triazolo[4,3-b]pyridazin-3-yl]sulfanyl}-1,3-benzothiazol-2-yl)urea 'C26 H28 N8 O S3'
CL non-polymer 'CHLORIDE ION' 'Cl -1'
#
# COMPACT_ATOMS: atom_id res chain seq x y z
N ALA A 1 -4.78 17.35 -31.70
CA ALA A 1 -4.61 18.32 -30.62
C ALA A 1 -3.52 17.95 -29.60
N LEU A 2 -3.33 16.64 -29.34
CA LEU A 2 -2.34 16.12 -28.39
C LEU A 2 -0.95 16.10 -28.98
N ASN A 3 0.08 16.09 -28.11
CA ASN A 3 1.50 16.00 -28.47
C ASN A 3 1.70 14.65 -29.20
N PRO A 4 2.11 14.64 -30.49
CA PRO A 4 2.25 13.34 -31.20
C PRO A 4 3.38 12.44 -30.67
N GLU A 5 4.36 13.01 -29.97
CA GLU A 5 5.48 12.28 -29.36
C GLU A 5 4.94 11.44 -28.20
N LEU A 6 3.96 11.98 -27.47
CA LEU A 6 3.28 11.35 -26.33
C LEU A 6 2.39 10.19 -26.78
N VAL A 7 1.71 10.33 -27.94
CA VAL A 7 0.82 9.32 -28.54
C VAL A 7 1.61 8.03 -28.87
N GLN A 8 2.84 8.19 -29.44
CA GLN A 8 3.71 7.05 -29.78
C GLN A 8 4.31 6.42 -28.53
N ALA A 9 4.61 7.24 -27.51
CA ALA A 9 5.22 6.82 -26.24
C ALA A 9 4.26 6.04 -25.34
N VAL A 10 2.93 6.24 -25.49
CA VAL A 10 1.90 5.58 -24.69
C VAL A 10 1.36 4.26 -25.30
N GLN A 11 1.74 3.97 -26.57
CA GLN A 11 1.27 2.80 -27.34
C GLN A 11 1.50 1.45 -26.63
N HIS A 12 2.67 1.26 -25.99
CA HIS A 12 3.01 0.02 -25.26
C HIS A 12 2.19 -0.17 -23.97
N VAL A 13 1.46 0.89 -23.53
CA VAL A 13 0.62 0.90 -22.31
C VAL A 13 -0.84 0.66 -22.69
N VAL A 14 -1.30 1.26 -23.81
CA VAL A 14 -2.67 1.15 -24.32
C VAL A 14 -2.99 -0.30 -24.72
N ILE A 15 -4.16 -0.80 -24.32
CA ILE A 15 -4.61 -2.14 -24.68
C ILE A 15 -5.78 -2.06 -25.67
N GLY A 16 -5.71 -2.86 -26.73
CA GLY A 16 -6.71 -2.89 -27.78
C GLY A 16 -7.99 -3.62 -27.42
N SER A 18 -4.61 -7.54 -27.90
CA SER A 18 -5.72 -8.20 -27.20
C SER A 18 -6.99 -7.32 -27.17
N SER A 19 -7.86 -7.53 -26.16
CA SER A 19 -9.12 -6.81 -25.92
C SER A 19 -9.54 -6.94 -24.45
N LEU A 20 -10.52 -6.12 -24.02
CA LEU A 20 -10.99 -6.09 -22.65
C LEU A 20 -12.51 -6.07 -22.54
N ILE A 21 -13.07 -6.89 -21.66
CA ILE A 21 -14.50 -6.94 -21.36
C ILE A 21 -14.67 -6.41 -19.93
N VAL A 22 -15.25 -5.20 -19.80
CA VAL A 22 -15.50 -4.57 -18.49
C VAL A 22 -16.88 -5.02 -18.00
N HIS A 23 -16.94 -5.63 -16.81
CA HIS A 23 -18.20 -6.10 -16.22
C HIS A 23 -18.79 -4.98 -15.35
N PHE A 24 -19.41 -3.99 -16.03
CA PHE A 24 -19.99 -2.77 -15.45
C PHE A 24 -21.04 -2.97 -14.33
N ASN A 25 -21.69 -4.16 -14.27
CA ASN A 25 -22.67 -4.46 -13.22
C ASN A 25 -22.02 -4.99 -11.92
N GLU A 26 -20.72 -5.38 -11.98
CA GLU A 26 -19.96 -5.88 -10.85
C GLU A 26 -19.00 -4.81 -10.30
N VAL A 27 -19.49 -4.01 -9.34
CA VAL A 27 -18.75 -2.92 -8.71
C VAL A 27 -17.94 -3.39 -7.49
N ILE A 28 -16.73 -2.80 -7.30
CA ILE A 28 -15.81 -3.07 -6.20
C ILE A 28 -15.86 -1.92 -5.18
N GLY A 29 -15.65 -0.69 -5.66
CA GLY A 29 -15.64 0.50 -4.83
C GLY A 29 -15.79 1.78 -5.62
N ARG A 30 -16.16 2.88 -4.92
CA ARG A 30 -16.36 4.20 -5.53
C ARG A 30 -15.52 5.28 -4.83
N HIS A 32 -13.77 12.03 -2.93
CA HIS A 32 -12.91 10.95 -3.40
C HIS A 32 -12.64 11.06 -4.92
N PHE A 33 -12.91 9.99 -5.70
CA PHE A 33 -12.69 9.95 -7.15
C PHE A 33 -13.60 8.89 -7.82
N GLY A 34 -13.16 8.30 -8.94
CA GLY A 34 -13.88 7.33 -9.75
C GLY A 34 -14.31 6.02 -9.11
N CYS A 35 -14.81 5.08 -9.93
CA CYS A 35 -15.28 3.78 -9.46
C CYS A 35 -14.56 2.60 -10.11
N VAL A 36 -14.30 1.56 -9.28
CA VAL A 36 -13.61 0.32 -9.64
C VAL A 36 -14.63 -0.80 -9.91
N TYR A 37 -14.49 -1.50 -11.04
CA TYR A 37 -15.35 -2.61 -11.46
C TYR A 37 -14.51 -3.84 -11.79
N HIS A 38 -15.14 -5.06 -11.77
CA HIS A 38 -14.49 -6.31 -12.21
C HIS A 38 -14.30 -6.25 -13.74
N GLY A 39 -13.34 -7.03 -14.25
CA GLY A 39 -13.03 -7.08 -15.67
C GLY A 39 -12.34 -8.35 -16.13
N THR A 40 -12.21 -8.49 -17.45
CA THR A 40 -11.56 -9.62 -18.12
C THR A 40 -10.73 -9.09 -19.28
N LEU A 41 -9.47 -9.52 -19.35
CA LEU A 41 -8.50 -9.14 -20.38
C LEU A 41 -8.38 -10.33 -21.36
N LEU A 42 -7.48 -10.25 -22.37
CA LEU A 42 -7.29 -11.33 -23.33
C LEU A 42 -5.79 -11.59 -23.65
N ASP A 43 -5.50 -12.33 -24.76
CA ASP A 43 -4.18 -12.76 -25.25
C ASP A 43 -3.48 -13.69 -24.25
N GLY A 46 -5.44 -15.81 -26.27
CA GLY A 46 -6.19 -17.03 -26.02
C GLY A 46 -6.08 -17.46 -24.54
N LYS A 47 -6.56 -16.58 -23.63
CA LYS A 47 -6.62 -16.73 -22.18
C LYS A 47 -7.47 -15.60 -21.57
N LYS A 48 -8.14 -15.87 -20.43
CA LYS A 48 -8.96 -14.88 -19.73
C LYS A 48 -8.33 -14.47 -18.38
N ILE A 49 -7.98 -13.16 -18.23
CA ILE A 49 -7.34 -12.62 -17.03
C ILE A 49 -8.29 -11.71 -16.23
N HIS A 50 -8.59 -12.10 -14.97
CA HIS A 50 -9.48 -11.37 -14.05
C HIS A 50 -8.81 -10.06 -13.60
N CYS A 51 -9.48 -8.92 -13.85
CA CYS A 51 -8.88 -7.64 -13.49
C CYS A 51 -9.84 -6.67 -12.80
N ALA A 52 -9.30 -5.60 -12.21
CA ALA A 52 -10.05 -4.52 -11.57
C ALA A 52 -9.83 -3.29 -12.44
N VAL A 53 -10.91 -2.81 -13.03
CA VAL A 53 -10.93 -1.69 -13.98
C VAL A 53 -11.44 -0.45 -13.27
N LYS A 54 -10.59 0.57 -13.17
CA LYS A 54 -10.97 1.84 -12.54
C LYS A 54 -11.34 2.82 -13.65
N SER A 55 -12.54 3.39 -13.58
CA SER A 55 -13.00 4.38 -14.56
C SER A 55 -12.97 5.75 -13.90
N LEU A 56 -12.04 6.61 -14.37
CA LEU A 56 -11.85 7.96 -13.83
C LEU A 56 -12.86 8.92 -14.44
N ASN A 57 -13.41 9.84 -13.60
CA ASN A 57 -14.42 10.89 -13.88
C ASN A 57 -14.80 11.10 -15.37
N ARG A 58 -14.43 12.27 -15.94
CA ARG A 58 -14.67 12.70 -17.32
C ARG A 58 -13.61 13.77 -17.60
N ILE A 59 -12.38 13.32 -17.87
CA ILE A 59 -11.22 14.18 -18.11
C ILE A 59 -10.34 13.65 -19.24
N ASP A 61 -11.06 18.57 -20.90
CA ASP A 61 -9.77 19.18 -21.23
C ASP A 61 -8.85 18.18 -21.93
N ILE A 62 -7.87 18.70 -22.71
CA ILE A 62 -6.90 17.85 -23.42
C ILE A 62 -5.61 17.71 -22.58
N GLY A 63 -5.37 18.68 -21.69
CA GLY A 63 -4.25 18.69 -20.75
C GLY A 63 -4.39 17.58 -19.72
N GLU A 64 -5.65 17.30 -19.32
CA GLU A 64 -6.03 16.24 -18.37
C GLU A 64 -5.75 14.89 -19.02
N VAL A 65 -6.08 14.77 -20.33
CA VAL A 65 -5.82 13.57 -21.15
C VAL A 65 -4.30 13.37 -21.27
N SER A 66 -3.54 14.48 -21.47
CA SER A 66 -2.07 14.46 -21.57
C SER A 66 -1.43 13.88 -20.31
N GLN A 67 -1.89 14.31 -19.11
CA GLN A 67 -1.43 13.84 -17.81
C GLN A 67 -1.74 12.35 -17.68
N PHE A 68 -3.00 11.95 -17.99
CA PHE A 68 -3.46 10.54 -17.97
C PHE A 68 -2.51 9.62 -18.74
N LEU A 69 -2.13 10.00 -19.97
CA LEU A 69 -1.22 9.24 -20.82
C LEU A 69 0.21 9.24 -20.27
N THR A 70 0.66 10.36 -19.67
CA THR A 70 1.99 10.49 -19.09
C THR A 70 2.11 9.57 -17.87
N GLU A 71 1.10 9.59 -16.99
CA GLU A 71 1.00 8.77 -15.77
C GLU A 71 1.06 7.28 -16.11
N GLY A 72 0.35 6.88 -17.16
CA GLY A 72 0.31 5.51 -17.67
C GLY A 72 1.68 4.96 -18.02
N ILE A 73 2.51 5.78 -18.72
CA ILE A 73 3.89 5.45 -19.10
C ILE A 73 4.75 5.29 -17.84
N ILE A 74 4.69 6.28 -16.91
CA ILE A 74 5.42 6.27 -15.64
C ILE A 74 5.07 5.01 -14.85
N MET A 75 3.77 4.73 -14.66
CA MET A 75 3.25 3.56 -13.94
C MET A 75 3.74 2.25 -14.51
N LYS A 76 3.65 2.11 -15.86
CA LYS A 76 4.08 0.90 -16.58
C LYS A 76 5.57 0.59 -16.38
N ASP A 77 6.40 1.63 -16.16
CA ASP A 77 7.84 1.50 -15.91
C ASP A 77 8.15 0.90 -14.51
N PHE A 78 7.12 0.76 -13.66
CA PHE A 78 7.27 0.16 -12.33
C PHE A 78 6.87 -1.31 -12.41
N SER A 79 7.80 -2.20 -12.12
CA SER A 79 7.51 -3.64 -12.11
C SER A 79 8.27 -4.32 -10.97
N HIS A 80 7.54 -4.91 -10.03
CA HIS A 80 8.10 -5.63 -8.88
C HIS A 80 7.03 -6.58 -8.35
N PRO A 81 7.37 -7.82 -7.97
CA PRO A 81 6.33 -8.73 -7.46
C PRO A 81 5.59 -8.24 -6.21
N ASN A 82 6.15 -7.27 -5.46
CA ASN A 82 5.47 -6.75 -4.26
C ASN A 82 4.93 -5.34 -4.46
N VAL A 83 4.71 -4.95 -5.72
CA VAL A 83 4.11 -3.66 -6.06
C VAL A 83 2.96 -3.98 -7.05
N LEU A 84 1.75 -3.43 -6.79
CA LEU A 84 0.62 -3.69 -7.68
C LEU A 84 0.89 -3.11 -9.08
N SER A 85 0.94 -4.00 -10.09
CA SER A 85 1.23 -3.64 -11.48
C SER A 85 0.04 -2.96 -12.17
N LEU A 86 0.33 -2.22 -13.22
CA LEU A 86 -0.68 -1.63 -14.08
C LEU A 86 -0.65 -2.56 -15.31
N LEU A 87 -1.80 -3.12 -15.69
CA LEU A 87 -1.85 -3.98 -16.88
C LEU A 87 -1.88 -3.10 -18.15
N GLY A 88 -2.64 -2.00 -18.09
CA GLY A 88 -2.75 -1.04 -19.18
C GLY A 88 -3.78 0.04 -18.97
N ILE A 89 -3.96 0.90 -20.00
CA ILE A 89 -4.92 2.01 -20.00
C ILE A 89 -5.81 2.03 -21.28
N CYS A 90 -6.96 2.74 -21.21
CA CYS A 90 -7.92 2.89 -22.30
C CYS A 90 -8.41 4.33 -22.36
N SER A 96 -14.42 7.65 -21.58
CA SER A 96 -13.95 7.67 -20.20
C SER A 96 -12.57 6.99 -20.04
N PRO A 97 -11.64 7.57 -19.24
CA PRO A 97 -10.33 6.94 -19.07
C PRO A 97 -10.35 5.71 -18.15
N LEU A 98 -9.90 4.56 -18.68
CA LEU A 98 -9.86 3.30 -17.92
C LEU A 98 -8.45 2.95 -17.45
N VAL A 99 -8.33 2.54 -16.17
CA VAL A 99 -7.07 2.10 -15.54
C VAL A 99 -7.25 0.60 -15.24
N VAL A 100 -6.54 -0.28 -15.97
CA VAL A 100 -6.75 -1.72 -15.74
C VAL A 100 -5.60 -2.32 -14.89
N LEU A 101 -5.99 -2.86 -13.74
CA LEU A 101 -5.11 -3.44 -12.72
C LEU A 101 -5.42 -4.92 -12.47
N PRO A 102 -4.42 -5.77 -12.12
CA PRO A 102 -4.75 -7.16 -11.81
C PRO A 102 -5.63 -7.26 -10.56
N TYR A 103 -6.64 -8.13 -10.63
CA TYR A 103 -7.54 -8.40 -9.53
C TYR A 103 -6.75 -9.19 -8.46
N MET A 104 -6.89 -8.78 -7.20
CA MET A 104 -6.18 -9.41 -6.10
C MET A 104 -7.20 -10.23 -5.34
N LYS A 105 -7.16 -11.55 -5.52
CA LYS A 105 -8.11 -12.51 -4.95
C LYS A 105 -8.46 -12.27 -3.47
N HIS A 106 -7.44 -12.07 -2.61
CA HIS A 106 -7.74 -11.95 -1.19
C HIS A 106 -7.95 -10.50 -0.69
N GLY A 107 -7.94 -9.53 -1.60
CA GLY A 107 -8.21 -8.13 -1.26
C GLY A 107 -7.15 -7.47 -0.39
N ASP A 108 -7.55 -6.46 0.39
CA ASP A 108 -6.59 -5.71 1.20
C ASP A 108 -6.06 -6.50 2.43
N LEU A 109 -4.80 -6.24 2.76
CA LEU A 109 -4.06 -6.86 3.86
C LEU A 109 -4.71 -6.66 5.23
N ARG A 110 -5.23 -5.46 5.51
CA ARG A 110 -5.89 -5.19 6.80
C ARG A 110 -7.12 -6.11 7.03
N ASN A 111 -8.04 -6.19 6.07
CA ASN A 111 -9.21 -7.07 6.21
C ASN A 111 -8.83 -8.53 6.26
N PHE A 112 -7.79 -8.93 5.51
CA PHE A 112 -7.32 -10.32 5.47
C PHE A 112 -6.84 -10.79 6.84
N ILE A 113 -6.02 -9.98 7.52
CA ILE A 113 -5.53 -10.36 8.87
C ILE A 113 -6.62 -10.19 9.94
N ARG A 114 -7.57 -9.22 9.78
CA ARG A 114 -8.65 -9.03 10.75
C ARG A 114 -9.67 -10.19 10.76
N ASN A 115 -9.84 -10.85 9.61
CA ASN A 115 -10.80 -11.94 9.43
C ASN A 115 -10.61 -13.04 10.47
N GLU A 116 -11.61 -13.19 11.38
CA GLU A 116 -11.57 -14.17 12.48
C GLU A 116 -11.52 -15.63 11.99
N THR A 117 -11.85 -15.90 10.72
CA THR A 117 -11.78 -17.27 10.18
C THR A 117 -10.36 -17.59 9.68
N HIS A 118 -9.49 -16.56 9.60
CA HIS A 118 -8.09 -16.77 9.21
C HIS A 118 -7.27 -17.03 10.45
N ASN A 119 -6.30 -17.94 10.32
CA ASN A 119 -5.43 -18.38 11.39
C ASN A 119 -3.96 -18.10 11.07
N PRO A 120 -3.53 -16.83 10.94
CA PRO A 120 -2.10 -16.59 10.63
C PRO A 120 -1.20 -16.91 11.82
N THR A 121 0.05 -17.26 11.52
CA THR A 121 1.07 -17.51 12.53
C THR A 121 1.96 -16.26 12.59
N VAL A 122 2.87 -16.19 13.56
CA VAL A 122 3.85 -15.10 13.66
C VAL A 122 4.67 -15.09 12.35
N LYS A 123 5.07 -16.29 11.90
CA LYS A 123 5.82 -16.47 10.66
C LYS A 123 5.08 -15.84 9.45
N ASP A 124 3.79 -16.16 9.27
CA ASP A 124 3.01 -15.61 8.16
C ASP A 124 2.97 -14.09 8.20
N LEU A 125 2.72 -13.54 9.40
CA LEU A 125 2.58 -12.07 9.54
C LEU A 125 3.87 -11.32 9.26
N ILE A 126 4.99 -11.87 9.75
CA ILE A 126 6.33 -11.32 9.52
C ILE A 126 6.67 -11.43 8.03
N GLY A 127 6.24 -12.54 7.42
CA GLY A 127 6.36 -12.80 5.97
C GLY A 127 5.66 -11.73 5.16
N PHE A 128 4.44 -11.33 5.58
CA PHE A 128 3.73 -10.22 4.88
C PHE A 128 4.48 -8.88 5.05
N GLY A 129 5.04 -8.64 6.24
CA GLY A 129 5.82 -7.43 6.51
C GLY A 129 7.07 -7.41 5.65
N LEU A 130 7.72 -8.59 5.48
CA LEU A 130 8.92 -8.73 4.65
C LEU A 130 8.61 -8.39 3.17
N GLN A 131 7.50 -8.89 2.65
CA GLN A 131 7.09 -8.61 1.25
C GLN A 131 6.79 -7.12 1.05
N VAL A 132 6.16 -6.50 2.05
CA VAL A 132 5.89 -5.04 1.99
C VAL A 132 7.23 -4.32 1.94
N ALA A 133 8.19 -4.69 2.83
CA ALA A 133 9.53 -4.07 2.84
C ALA A 133 10.24 -4.19 1.46
N LYS A 134 10.10 -5.33 0.77
CA LYS A 134 10.71 -5.56 -0.57
C LYS A 134 10.10 -4.64 -1.64
N GLY A 135 8.76 -4.49 -1.59
CA GLY A 135 8.02 -3.62 -2.48
C GLY A 135 8.44 -2.18 -2.24
N MET A 136 8.56 -1.77 -0.95
CA MET A 136 9.02 -0.41 -0.60
C MET A 136 10.50 -0.18 -0.95
N LYS A 137 11.34 -1.21 -0.83
CA LYS A 137 12.77 -1.14 -1.19
C LYS A 137 12.87 -0.82 -2.70
N TYR A 138 12.00 -1.45 -3.51
CA TYR A 138 11.92 -1.19 -4.95
C TYR A 138 11.48 0.26 -5.21
N LEU A 139 10.38 0.71 -4.56
CA LEU A 139 9.84 2.06 -4.81
C LEU A 139 10.82 3.17 -4.45
N ALA A 140 11.49 3.03 -3.30
CA ALA A 140 12.52 3.97 -2.84
C ALA A 140 13.67 4.07 -3.87
N SER A 141 14.11 2.94 -4.46
CA SER A 141 15.21 2.92 -5.46
C SER A 141 14.82 3.70 -6.73
N LYS A 142 13.52 3.79 -6.99
CA LYS A 142 12.96 4.52 -8.10
C LYS A 142 12.61 5.94 -7.69
N LYS A 143 13.01 6.36 -6.45
CA LYS A 143 12.75 7.70 -5.87
C LYS A 143 11.24 7.98 -5.73
N PHE A 144 10.45 6.91 -5.61
CA PHE A 144 9.01 7.02 -5.41
C PHE A 144 8.69 7.03 -3.91
N VAL A 145 8.07 8.11 -3.45
CA VAL A 145 7.61 8.32 -2.07
C VAL A 145 6.12 7.97 -2.11
N HIS A 146 5.72 6.92 -1.36
CA HIS A 146 4.34 6.45 -1.35
C HIS A 146 3.34 7.44 -0.74
N ARG A 147 3.64 7.94 0.48
CA ARG A 147 2.85 8.92 1.28
C ARG A 147 1.65 8.32 2.04
N ASP A 148 1.18 7.10 1.67
CA ASP A 148 0.02 6.49 2.36
C ASP A 148 0.19 4.98 2.58
N LEU A 149 1.40 4.57 2.98
CA LEU A 149 1.65 3.17 3.27
C LEU A 149 0.89 2.76 4.56
N ALA A 150 0.04 1.75 4.43
CA ALA A 150 -0.80 1.22 5.49
C ALA A 150 -1.26 -0.16 5.06
N ALA A 151 -1.66 -1.01 6.02
CA ALA A 151 -2.12 -2.36 5.64
C ALA A 151 -3.38 -2.30 4.72
N ARG A 152 -4.23 -1.23 4.88
CA ARG A 152 -5.43 -1.04 4.06
C ARG A 152 -5.05 -0.81 2.59
N ASN A 153 -3.80 -0.35 2.32
CA ASN A 153 -3.28 -0.03 1.00
C ASN A 153 -2.33 -1.08 0.39
N CYS A 154 -2.35 -2.28 0.94
CA CYS A 154 -1.59 -3.43 0.45
C CYS A 154 -2.62 -4.50 0.13
N MET A 155 -2.39 -5.28 -0.92
CA MET A 155 -3.33 -6.31 -1.36
C MET A 155 -2.67 -7.67 -1.39
N LEU A 156 -3.48 -8.74 -1.38
CA LEU A 156 -2.98 -10.11 -1.46
C LEU A 156 -3.58 -10.82 -2.66
N ASP A 157 -2.71 -11.48 -3.44
CA ASP A 157 -3.16 -12.26 -4.60
C ASP A 157 -3.47 -13.72 -4.16
N GLU A 158 -3.75 -14.62 -5.12
CA GLU A 158 -4.10 -16.03 -4.89
C GLU A 158 -2.96 -16.87 -4.28
N LYS A 159 -1.71 -16.39 -4.42
CA LYS A 159 -0.53 -17.07 -3.84
C LYS A 159 -0.16 -16.41 -2.52
N PHE A 160 -1.02 -15.49 -2.01
CA PHE A 160 -0.77 -14.71 -0.78
C PHE A 160 0.44 -13.79 -0.94
N THR A 161 0.76 -13.41 -2.18
CA THR A 161 1.85 -12.46 -2.42
C THR A 161 1.25 -11.11 -2.10
N VAL A 162 1.94 -10.35 -1.23
CA VAL A 162 1.52 -9.00 -0.84
C VAL A 162 1.99 -7.99 -1.88
N LYS A 163 1.10 -7.13 -2.35
CA LYS A 163 1.45 -6.09 -3.31
C LYS A 163 1.08 -4.74 -2.75
N VAL A 164 2.08 -3.84 -2.70
CA VAL A 164 1.88 -2.47 -2.25
C VAL A 164 1.01 -1.80 -3.30
N ALA A 165 -0.14 -1.26 -2.87
CA ALA A 165 -1.11 -0.63 -3.79
C ALA A 165 -1.29 0.86 -3.51
N ASP A 166 -2.47 1.43 -3.85
CA ASP A 166 -2.79 2.88 -3.75
C ASP A 166 -1.72 3.67 -4.50
N PHE A 167 -1.39 3.20 -5.71
CA PHE A 167 -0.29 3.67 -6.53
C PHE A 167 -0.70 4.28 -7.87
N GLY A 168 -0.06 5.40 -8.21
CA GLY A 168 -0.26 6.12 -9.46
C GLY A 168 -1.69 6.52 -9.74
N LEU A 169 -2.23 6.04 -10.88
CA LEU A 169 -3.60 6.33 -11.33
C LEU A 169 -4.68 5.71 -10.41
N ALA A 170 -4.30 4.67 -9.64
CA ALA A 170 -5.19 4.00 -8.70
C ALA A 170 -5.27 4.75 -7.36
N ARG A 171 -4.31 5.69 -7.08
CA ARG A 171 -4.28 6.47 -5.84
C ARG A 171 -5.60 7.16 -5.57
N ASP A 172 -6.19 6.85 -4.41
CA ASP A 172 -7.49 7.36 -4.00
C ASP A 172 -7.63 7.38 -2.47
N MET A 173 -8.81 7.81 -2.01
CA MET A 173 -9.24 7.85 -0.62
C MET A 173 -10.50 7.00 -0.63
N HIS A 174 -10.37 5.76 -0.13
CA HIS A 174 -11.46 4.77 -0.09
C HIS A 174 -12.18 4.77 1.25
N ASP A 175 -11.44 5.07 2.33
CA ASP A 175 -11.96 5.19 3.69
C ASP A 175 -11.81 6.65 4.15
N LYS A 176 -12.48 7.02 5.25
CA LYS A 176 -12.45 8.41 5.74
C LYS A 176 -11.98 8.55 7.19
N GLU A 177 -12.30 7.58 8.07
CA GLU A 177 -11.94 7.64 9.50
C GLU A 177 -10.42 7.70 9.78
N TYR A 178 -9.59 7.28 8.81
CA TYR A 178 -8.13 7.29 8.92
C TYR A 178 -7.52 8.55 8.30
N TYR A 179 -8.36 9.46 7.75
CA TYR A 179 -7.89 10.69 7.11
C TYR A 179 -8.53 11.96 7.67
N SER A 180 -7.67 12.86 8.18
CA SER A 180 -8.05 14.17 8.73
C SER A 180 -8.37 15.13 7.58
N VAL A 181 -9.50 15.85 7.69
CA VAL A 181 -9.98 16.80 6.69
C VAL A 181 -10.16 18.20 7.29
N ALA A 187 -5.81 16.94 -0.35
CA ALA A 187 -4.56 16.30 0.04
C ALA A 187 -4.77 15.33 1.20
N LYS A 188 -4.41 14.04 0.99
CA LYS A 188 -4.58 12.93 1.95
C LYS A 188 -3.69 13.03 3.18
N LEU A 189 -4.29 13.07 4.38
CA LEU A 189 -3.48 13.07 5.59
C LEU A 189 -3.79 11.83 6.48
N PRO A 190 -3.04 10.71 6.30
CA PRO A 190 -3.25 9.52 7.16
C PRO A 190 -2.46 9.69 8.45
N VAL A 191 -2.92 10.63 9.26
CA VAL A 191 -2.33 11.14 10.50
C VAL A 191 -1.69 10.04 11.38
N LYS A 192 -2.41 8.94 11.68
CA LYS A 192 -1.89 7.91 12.60
C LYS A 192 -0.78 7.00 12.00
N TRP A 193 -0.40 7.24 10.73
CA TRP A 193 0.66 6.50 10.01
C TRP A 193 1.81 7.45 9.66
N MET A 194 1.60 8.77 9.88
CA MET A 194 2.55 9.80 9.51
C MET A 194 3.70 10.02 10.50
N ALA A 195 4.89 10.27 9.95
CA ALA A 195 6.07 10.59 10.73
C ALA A 195 5.88 11.92 11.41
N LEU A 196 6.50 12.06 12.58
CA LEU A 196 6.47 13.27 13.38
C LEU A 196 6.74 14.54 12.55
N GLU A 197 7.82 14.54 11.72
CA GLU A 197 8.14 15.71 10.86
C GLU A 197 7.07 15.97 9.78
N SER A 198 6.35 14.93 9.30
CA SER A 198 5.30 15.11 8.28
C SER A 198 4.07 15.73 8.89
N LEU A 199 3.75 15.40 10.16
CA LEU A 199 2.63 15.99 10.90
C LEU A 199 2.83 17.52 11.08
N GLN A 200 4.10 17.98 11.15
CA GLN A 200 4.45 19.40 11.39
C GLN A 200 4.68 20.22 10.11
N THR A 201 5.12 19.59 9.00
CA THR A 201 5.43 20.29 7.74
C THR A 201 4.48 19.92 6.57
N GLN A 202 3.79 18.77 6.68
CA GLN A 202 2.91 18.17 5.65
C GLN A 202 3.73 17.77 4.40
N LYS A 203 5.03 17.48 4.62
CA LYS A 203 5.99 17.04 3.60
C LYS A 203 6.32 15.56 3.83
N PHE A 204 6.47 14.79 2.75
CA PHE A 204 6.74 13.35 2.81
C PHE A 204 8.05 12.95 2.14
N THR A 205 8.75 11.96 2.73
CA THR A 205 10.00 11.42 2.19
C THR A 205 10.00 9.89 2.29
N THR A 206 11.03 9.24 1.74
CA THR A 206 11.19 7.81 1.92
C THR A 206 11.33 7.49 3.43
N LYS A 207 12.00 8.38 4.20
CA LYS A 207 12.15 8.16 5.66
C LYS A 207 10.81 8.30 6.39
N SER A 208 9.86 9.11 5.85
CA SER A 208 8.54 9.15 6.47
C SER A 208 7.75 7.90 6.04
N ASP A 209 8.08 7.28 4.87
CA ASP A 209 7.42 6.01 4.47
C ASP A 209 7.94 4.90 5.42
N VAL A 210 9.20 5.03 5.88
CA VAL A 210 9.80 4.08 6.83
C VAL A 210 9.00 4.13 8.17
N TRP A 211 8.68 5.35 8.64
CA TRP A 211 7.81 5.51 9.84
C TRP A 211 6.47 4.75 9.61
N SER A 212 5.80 4.98 8.45
CA SER A 212 4.52 4.33 8.12
C SER A 212 4.67 2.81 8.08
N PHE A 213 5.81 2.32 7.56
CA PHE A 213 6.08 0.88 7.54
C PHE A 213 6.15 0.31 8.98
N GLY A 214 6.78 1.04 9.92
CA GLY A 214 6.82 0.62 11.32
C GLY A 214 5.40 0.43 11.85
N VAL A 215 4.50 1.40 11.51
CA VAL A 215 3.06 1.32 11.87
C VAL A 215 2.40 0.11 11.21
N LEU A 216 2.70 -0.15 9.92
CA LEU A 216 2.15 -1.29 9.18
C LEU A 216 2.59 -2.62 9.88
N LEU A 217 3.85 -2.68 10.37
CA LEU A 217 4.29 -3.89 11.09
C LEU A 217 3.47 -4.06 12.39
N TRP A 218 3.12 -2.95 13.06
CA TRP A 218 2.30 -2.97 14.28
C TRP A 218 0.90 -3.50 13.93
N GLU A 219 0.32 -3.05 12.78
CA GLU A 219 -0.99 -3.51 12.29
C GLU A 219 -0.92 -5.02 12.04
N LEU A 220 0.16 -5.50 11.44
CA LEU A 220 0.33 -6.93 11.17
C LEU A 220 0.32 -7.77 12.44
N MET A 221 1.14 -7.38 13.43
CA MET A 221 1.29 -8.14 14.68
C MET A 221 0.07 -8.08 15.60
N THR A 222 -0.81 -7.05 15.43
CA THR A 222 -2.07 -6.97 16.21
C THR A 222 -3.25 -7.51 15.38
N ARG A 223 -2.98 -8.04 14.16
CA ARG A 223 -4.01 -8.53 13.24
C ARG A 223 -5.02 -7.44 12.84
N GLY A 224 -4.52 -6.25 12.56
CA GLY A 224 -5.31 -5.14 12.07
C GLY A 224 -6.00 -4.26 13.10
N ALA A 225 -5.44 -4.14 14.31
CA ALA A 225 -6.00 -3.23 15.29
C ALA A 225 -5.76 -1.78 14.86
N PRO A 226 -6.73 -0.87 15.13
CA PRO A 226 -6.49 0.53 14.79
C PRO A 226 -5.36 1.09 15.69
N PRO A 227 -4.36 1.77 15.13
CA PRO A 227 -3.29 2.31 16.00
C PRO A 227 -3.76 3.50 16.84
N TYR A 228 -3.25 3.63 18.08
CA TYR A 228 -3.61 4.70 19.03
C TYR A 228 -5.17 4.80 19.13
N PRO A 229 -5.90 3.72 19.51
CA PRO A 229 -7.37 3.78 19.51
C PRO A 229 -7.98 4.84 20.42
N ASP A 230 -7.35 5.12 21.57
CA ASP A 230 -7.81 6.13 22.54
C ASP A 230 -7.22 7.53 22.30
N VAL A 231 -6.67 7.77 21.10
CA VAL A 231 -6.09 9.07 20.72
C VAL A 231 -6.85 9.55 19.49
N ASN A 232 -7.39 10.77 19.56
CA ASN A 232 -8.10 11.36 18.42
C ASN A 232 -7.04 11.85 17.41
N THR A 233 -7.35 11.76 16.10
CA THR A 233 -6.45 12.16 15.00
C THR A 233 -5.72 13.49 15.27
N PHE A 234 -6.46 14.54 15.63
CA PHE A 234 -5.93 15.88 15.91
C PHE A 234 -4.94 15.95 17.09
N ASP A 235 -4.93 14.93 17.98
CA ASP A 235 -4.09 14.89 19.17
C ASP A 235 -2.75 14.12 19.01
N ILE A 236 -2.55 13.38 17.89
CA ILE A 236 -1.40 12.49 17.65
C ILE A 236 -0.04 13.17 17.80
N THR A 237 0.16 14.36 17.20
CA THR A 237 1.48 15.01 17.26
C THR A 237 1.85 15.38 18.71
N VAL A 238 0.88 15.83 19.54
CA VAL A 238 1.15 16.18 20.95
C VAL A 238 1.46 14.88 21.74
N TYR A 239 0.66 13.85 21.49
CA TYR A 239 0.82 12.51 22.08
C TYR A 239 2.25 11.97 21.83
N LEU A 240 2.70 11.99 20.55
CA LEU A 240 4.06 11.54 20.19
C LEU A 240 5.17 12.38 20.83
N LEU A 241 5.00 13.72 20.86
CA LEU A 241 5.98 14.66 21.44
C LEU A 241 6.13 14.54 22.96
N GLN A 242 5.23 13.82 23.64
CA GLN A 242 5.37 13.56 25.08
C GLN A 242 6.38 12.43 25.35
N GLY A 243 6.81 11.75 24.29
CA GLY A 243 7.76 10.64 24.38
C GLY A 243 7.07 9.30 24.37
N ARG A 244 6.16 9.14 23.42
CA ARG A 244 5.37 7.92 23.35
C ARG A 244 5.48 7.25 22.00
N ARG A 245 5.31 5.92 21.98
CA ARG A 245 5.24 5.09 20.77
C ARG A 245 4.15 4.05 20.97
N LEU A 246 3.73 3.38 19.87
CA LEU A 246 2.76 2.28 19.93
C LEU A 246 3.39 1.22 20.80
N LEU A 247 2.59 0.60 21.67
CA LEU A 247 3.10 -0.43 22.60
C LEU A 247 3.35 -1.72 21.83
N GLN A 248 4.19 -2.59 22.40
CA GLN A 248 4.53 -3.87 21.78
C GLN A 248 3.34 -4.84 21.77
N PRO A 249 2.92 -5.32 20.58
CA PRO A 249 1.81 -6.29 20.53
C PRO A 249 2.18 -7.58 21.25
N GLU A 250 1.20 -8.25 21.89
CA GLU A 250 1.46 -9.51 22.62
C GLU A 250 2.19 -10.55 21.75
N TYR A 251 1.84 -10.63 20.47
CA TYR A 251 2.48 -11.66 19.66
C TYR A 251 3.65 -11.12 18.81
N CYS A 252 4.13 -9.92 19.14
CA CYS A 252 5.26 -9.33 18.42
C CYS A 252 6.56 -9.78 19.08
N PRO A 253 7.43 -10.50 18.33
CA PRO A 253 8.74 -10.87 18.89
C PRO A 253 9.55 -9.62 19.23
N ASP A 254 10.37 -9.70 20.30
CA ASP A 254 11.24 -8.60 20.74
C ASP A 254 12.11 -7.98 19.61
N PRO A 255 12.83 -8.77 18.75
CA PRO A 255 13.61 -8.13 17.66
C PRO A 255 12.74 -7.39 16.68
N LEU A 256 11.48 -7.84 16.45
CA LEU A 256 10.62 -7.12 15.52
C LEU A 256 10.14 -5.79 16.15
N TYR A 257 9.87 -5.78 17.48
CA TYR A 257 9.47 -4.54 18.16
C TYR A 257 10.63 -3.52 18.10
N GLU A 258 11.88 -4.01 18.23
CA GLU A 258 13.10 -3.16 18.13
C GLU A 258 13.17 -2.56 16.74
N VAL A 259 12.78 -3.34 15.71
CA VAL A 259 12.73 -2.83 14.34
C VAL A 259 11.71 -1.68 14.21
N MET A 260 10.51 -1.86 14.78
CA MET A 260 9.43 -0.82 14.74
C MET A 260 9.95 0.47 15.38
N LEU A 261 10.55 0.36 16.60
CA LEU A 261 11.13 1.52 17.31
C LEU A 261 12.17 2.29 16.46
N LYS A 262 13.00 1.58 15.67
CA LYS A 262 13.99 2.14 14.74
C LYS A 262 13.31 2.89 13.61
N CYS A 263 12.14 2.34 13.10
CA CYS A 263 11.33 2.97 12.04
C CYS A 263 10.76 4.26 12.57
N TRP A 264 10.55 4.35 13.90
CA TRP A 264 9.99 5.57 14.48
C TRP A 264 11.05 6.46 15.14
N HIS A 265 12.32 6.31 14.77
CA HIS A 265 13.40 7.17 15.30
C HIS A 265 12.98 8.64 15.10
N PRO A 266 13.10 9.48 16.15
CA PRO A 266 12.68 10.89 16.00
C PRO A 266 13.42 11.61 14.87
N LYS A 267 14.68 11.20 14.57
CA LYS A 267 15.50 11.81 13.50
C LYS A 267 15.31 10.97 12.25
N ALA A 268 14.66 11.53 11.21
CA ALA A 268 14.38 10.81 9.95
C ALA A 268 15.62 10.11 9.36
N GLU A 269 16.78 10.79 9.36
CA GLU A 269 18.00 10.20 8.79
C GLU A 269 18.59 9.03 9.61
N MET A 270 18.19 8.87 10.87
CA MET A 270 18.65 7.72 11.67
C MET A 270 17.74 6.48 11.48
N ARG A 271 16.61 6.64 10.79
CA ARG A 271 15.73 5.49 10.53
C ARG A 271 16.42 4.55 9.54
N PRO A 272 16.17 3.22 9.61
CA PRO A 272 16.80 2.34 8.62
C PRO A 272 16.20 2.54 7.22
N SER A 273 16.98 2.24 6.19
CA SER A 273 16.51 2.26 4.80
C SER A 273 15.65 1.01 4.64
N PHE A 274 14.82 0.98 3.60
CA PHE A 274 14.04 -0.21 3.29
C PHE A 274 14.96 -1.41 2.94
N SER A 275 16.17 -1.15 2.40
CA SER A 275 17.12 -2.24 2.11
C SER A 275 17.57 -2.88 3.42
N GLU A 276 17.82 -2.07 4.46
CA GLU A 276 18.24 -2.59 5.77
C GLU A 276 17.06 -3.35 6.41
N LEU A 277 15.83 -2.81 6.26
CA LEU A 277 14.62 -3.49 6.76
C LEU A 277 14.41 -4.85 6.12
N VAL A 278 14.57 -4.95 4.78
CA VAL A 278 14.41 -6.24 4.07
C VAL A 278 15.40 -7.26 4.68
N SER A 279 16.61 -6.83 4.88
CA SER A 279 17.69 -7.68 5.43
C SER A 279 17.42 -8.14 6.87
N ARG A 280 17.12 -7.19 7.75
CA ARG A 280 16.85 -7.47 9.17
C ARG A 280 15.59 -8.32 9.35
N ILE A 281 14.54 -8.05 8.57
CA ILE A 281 13.28 -8.79 8.68
C ILE A 281 13.44 -10.19 8.10
N SER A 282 14.26 -10.35 7.04
CA SER A 282 14.49 -11.70 6.49
C SER A 282 15.13 -12.62 7.53
N ALA A 283 16.06 -12.09 8.33
CA ALA A 283 16.70 -12.85 9.42
C ALA A 283 15.66 -13.28 10.49
N ILE A 284 14.80 -12.35 10.96
CA ILE A 284 13.78 -12.64 11.99
C ILE A 284 12.81 -13.67 11.49
N PHE A 285 12.32 -13.48 10.24
CA PHE A 285 11.37 -14.36 9.57
C PHE A 285 11.91 -15.79 9.51
N SER A 286 13.20 -15.96 9.16
CA SER A 286 13.86 -17.28 9.06
C SER A 286 13.88 -18.09 10.37
N THR A 287 13.74 -17.43 11.54
CA THR A 287 13.79 -18.13 12.86
C THR A 287 12.46 -18.82 13.24
N PHE A 288 11.38 -18.42 12.57
CA PHE A 288 10.02 -18.93 12.84
C PHE A 288 9.65 -20.10 11.91
N ILE A 289 8.89 -21.07 12.44
CA ILE A 289 8.49 -22.28 11.70
C ILE A 289 6.96 -22.40 11.46
N GLY A 290 6.20 -21.42 11.92
CA GLY A 290 4.75 -21.45 11.76
C GLY A 290 4.05 -22.26 12.82
N GLU A 291 4.58 -22.27 14.04
CA GLU A 291 3.94 -22.97 15.17
C GLU A 291 3.27 -21.98 16.15
N HIS A 292 3.46 -20.67 15.94
CA HIS A 292 2.89 -19.65 16.84
C HIS A 292 1.68 -18.92 16.24
N TYR A 293 0.48 -19.33 16.66
CA TYR A 293 -0.78 -18.76 16.20
C TYR A 293 -1.04 -17.40 16.84
N VAL A 294 -1.32 -16.40 16.00
CA VAL A 294 -1.57 -15.06 16.50
C VAL A 294 -3.08 -14.85 16.68
N HIS A 295 -3.47 -14.46 17.89
CA HIS A 295 -4.88 -14.23 18.23
C HIS A 295 -5.23 -12.74 18.31
N VAL A 296 -6.51 -12.36 18.10
CA VAL A 296 -6.85 -10.94 18.17
C VAL A 296 -7.03 -10.54 19.65
N ASN A 297 -6.58 -9.33 20.01
CA ASN A 297 -6.67 -8.72 21.35
C ASN A 297 -8.14 -8.28 21.56
N ALA A 298 -8.63 -8.36 22.79
CA ALA A 298 -10.01 -7.99 23.13
C ALA A 298 -10.22 -6.48 23.16
N THR A 299 -9.23 -5.73 23.68
CA THR A 299 -9.23 -4.26 23.81
C THR A 299 -9.17 -3.59 22.43
CL CL B . 5.41 -18.93 14.01
C4 62E C . -9.03 -2.65 -6.34
C5 62E C . -9.08 -4.03 -6.12
C6 62E C . -8.10 -4.90 -6.68
C8 62E C . -9.29 -6.41 -5.54
C11 62E C . -6.84 -0.04 -5.95
C15 62E C . -6.14 0.34 -3.84
C26 62E C . -12.09 -0.30 -1.16
C3 62E C . -7.05 -4.42 -7.49
C2 62E C . -7.00 -3.02 -7.70
C25 62E C . -10.66 -0.12 -1.18
C27 62E C . -12.60 -0.59 -2.39
C1 62E C . -7.98 -2.15 -7.12
C20 62E C . -10.12 -0.29 -2.44
C16 62E C . -6.34 0.44 -2.39
C17 62E C . -7.61 0.20 -1.90
C18 62E C . -8.72 -0.13 -2.84
C22 62E C . -10.79 -7.89 -4.10
C32 62E C . -12.29 -11.69 -0.08
C36 62E C . -13.99 -9.78 -0.38
C33 62E C . -12.88 -12.10 1.30
C35 62E C . -14.87 -10.57 0.65
C31 62E C . -12.47 -10.17 -0.28
C38 62E C . -15.44 -13.17 2.75
C30 62E C . -11.53 -9.57 -1.34
C29 62E C . -11.95 -9.76 -2.82
C37 62E C . -14.82 -11.76 2.94
N7 62E C . -8.25 -6.26 -6.34
N13 62E C . -5.10 0.51 -4.70
N12 62E C . -5.52 0.28 -5.94
N19 62E C . -8.52 -0.24 -4.18
N14 62E C . -7.28 -0.01 -4.65
N21 62E C . -9.69 -7.62 -4.98
N23 62E C . -10.87 -9.25 -3.72
N34 62E C . -14.03 -11.19 1.77
O24 62E C . -11.56 -7.04 -3.69
S28 62E C . -11.38 -0.68 -3.60
S9 62E C . -10.19 -4.91 -5.14
S10 62E C . -7.83 -0.40 -7.31
#